data_3HFV
#
_entry.id   3HFV
#
_cell.length_a   54.640
_cell.length_b   90.143
_cell.length_c   97.133
_cell.angle_alpha   90.00
_cell.angle_beta   90.00
_cell.angle_gamma   90.00
#
_symmetry.space_group_name_H-M   'P 21 21 21'
#
loop_
_entity.id
_entity.type
_entity.pdbx_description
1 polymer 'Phenylalanyl-tRNA synthetase, mitochondrial'
2 non-polymer META-TYROSINE
3 water water
#
_entity_poly.entity_id   1
_entity_poly.type   'polypeptide(L)'
_entity_poly.pdbx_seq_one_letter_code
;MAAECATQRAPGSVVELLGKSYPQDDHSNLTRKVLTRVGRNLHNQQHHPLWLIKERVKEHFYKQYVGRFGTPLFSVYDNL
SPVVTTWQNFDSLLIPADHPSRKKGDNYYLNRTHMLRAHTSAHQWDLLHAGLDAFLVVGDVYRRDQIDSQHYPIFHQLEA
VRLFSKHELFAGIKDGESLQLFEQSSRSAHKQETHTMEAVKLVEFDLKQTLTRLMAHLFGDELEIRWVDCYFPFTHPSFE
MEINFHGEWLEVLGCGVMEQQLVNSAGAQDRIGWAFGLGLERLAMILYDIPDIRLFWCEDERFLKQFCVSNINQKVKFQP
LSKYPAVINDISFWLPSENYAENDFYDLVRTIGGDLVEKVDLIDKFVHPKTHKTSHCYRITYRHMERTLSQREVRHIHQA
LQEAAVQLLGVEGRF
;
_entity_poly.pdbx_strand_id   A
#
# COMPACT_ATOMS: atom_id res chain seq x y z
N PRO A 11 -15.36 20.32 -5.60
CA PRO A 11 -14.66 20.39 -4.31
C PRO A 11 -15.40 21.25 -3.24
N GLY A 12 -14.67 22.07 -2.47
CA GLY A 12 -15.28 22.83 -1.34
C GLY A 12 -14.37 23.57 -0.34
N SER A 13 -14.95 23.89 0.83
CA SER A 13 -14.37 24.81 1.81
C SER A 13 -13.81 24.07 3.06
N VAL A 14 -14.67 23.28 3.72
CA VAL A 14 -14.24 22.43 4.83
C VAL A 14 -14.45 20.98 4.47
N VAL A 15 -13.61 20.08 4.97
CA VAL A 15 -13.91 18.67 4.87
C VAL A 15 -14.06 18.10 6.26
N GLU A 16 -15.07 17.26 6.44
CA GLU A 16 -15.34 16.70 7.78
C GLU A 16 -15.19 15.20 7.77
N LEU A 17 -14.28 14.72 8.59
CA LEU A 17 -13.94 13.32 8.58
C LEU A 17 -13.86 12.76 9.97
N LEU A 18 -14.63 11.70 10.22
CA LEU A 18 -14.70 11.01 11.50
C LEU A 18 -14.87 11.98 12.66
N GLY A 19 -15.74 12.97 12.48
CA GLY A 19 -15.96 13.99 13.50
C GLY A 19 -14.95 15.12 13.53
N LYS A 20 -14.06 15.21 12.56
CA LYS A 20 -13.08 16.29 12.58
C LYS A 20 -13.09 17.16 11.30
N SER A 21 -12.59 18.38 11.44
CA SER A 21 -12.81 19.39 10.45
C SER A 21 -11.46 19.78 9.79
N TYR A 22 -11.44 19.87 8.47
CA TYR A 22 -10.16 20.17 7.77
C TYR A 22 -10.28 21.36 6.84
N PRO A 23 -9.65 22.51 7.19
CA PRO A 23 -9.76 23.63 6.26
C PRO A 23 -9.19 23.20 4.91
N GLN A 24 -9.87 23.50 3.79
CA GLN A 24 -9.38 23.10 2.48
C GLN A 24 -8.40 24.13 1.93
N ASP A 25 -7.54 23.72 1.01
CA ASP A 25 -6.55 24.60 0.40
C ASP A 25 -5.97 24.03 -0.87
N ASP A 26 -5.02 24.77 -1.42
CA ASP A 26 -4.29 24.43 -2.65
C ASP A 26 -3.81 22.99 -2.74
N HIS A 27 -3.73 22.31 -1.62
CA HIS A 27 -3.37 20.90 -1.65
C HIS A 27 -4.52 19.90 -1.68
N SER A 28 -5.65 20.28 -1.07
CA SER A 28 -6.75 19.36 -0.82
C SER A 28 -7.20 18.76 -2.11
N ASN A 29 -7.48 17.47 -2.14
CA ASN A 29 -7.94 16.80 -3.35
C ASN A 29 -8.75 15.55 -3.09
N LEU A 30 -9.30 15.45 -1.88
CA LEU A 30 -10.11 14.28 -1.54
C LEU A 30 -11.42 14.26 -2.25
N THR A 31 -11.69 13.17 -2.92
CA THR A 31 -13.00 12.97 -3.49
C THR A 31 -13.94 12.31 -2.50
N ARG A 32 -15.22 12.70 -2.57
CA ARG A 32 -16.28 12.11 -1.78
C ARG A 32 -16.33 10.59 -1.90
N LYS A 33 -16.09 10.07 -3.10
CA LYS A 33 -16.19 8.60 -3.33
C LYS A 33 -15.24 7.89 -2.37
N VAL A 34 -14.09 8.53 -2.14
CA VAL A 34 -13.08 7.95 -1.32
C VAL A 34 -13.44 8.08 0.14
N LEU A 35 -13.83 9.26 0.63
CA LEU A 35 -14.39 9.41 1.98
C LEU A 35 -15.23 8.20 2.37
N THR A 36 -16.07 7.73 1.46
CA THR A 36 -17.04 6.70 1.79
C THR A 36 -16.42 5.35 2.05
N ARG A 37 -15.13 5.21 1.77
CA ARG A 37 -14.47 3.94 1.99
C ARG A 37 -13.77 3.98 3.33
N VAL A 38 -13.54 5.19 3.80
CA VAL A 38 -12.82 5.40 5.06
C VAL A 38 -13.66 4.88 6.21
N GLY A 39 -13.10 4.08 7.10
CA GLY A 39 -13.88 3.56 8.19
C GLY A 39 -14.39 2.17 7.86
N ARG A 40 -14.51 1.85 6.60
CA ARG A 40 -14.98 0.53 6.23
C ARG A 40 -14.10 -0.62 6.80
N ASN A 41 -12.83 -0.32 7.06
CA ASN A 41 -11.89 -1.33 7.62
C ASN A 41 -12.06 -2.80 7.23
N LEU A 42 -11.88 -3.15 5.96
CA LEU A 42 -11.99 -4.55 5.56
C LEU A 42 -11.05 -5.47 6.33
N HIS A 43 -9.92 -4.96 6.78
CA HIS A 43 -8.91 -5.85 7.41
C HIS A 43 -9.35 -6.34 8.82
N ASN A 44 -10.35 -5.66 9.39
CA ASN A 44 -10.93 -6.02 10.68
C ASN A 44 -12.25 -6.71 10.48
N GLN A 45 -12.51 -7.14 9.26
CA GLN A 45 -13.79 -7.71 8.93
C GLN A 45 -13.70 -9.22 8.94
N GLN A 46 -14.42 -9.80 9.88
CA GLN A 46 -14.40 -11.25 10.10
C GLN A 46 -14.70 -12.04 8.85
N HIS A 47 -13.79 -12.91 8.41
CA HIS A 47 -13.98 -13.77 7.22
C HIS A 47 -13.56 -13.13 5.90
N HIS A 48 -13.36 -11.83 5.90
CA HIS A 48 -12.81 -11.20 4.71
C HIS A 48 -11.34 -11.68 4.52
N PRO A 49 -10.96 -11.98 3.27
CA PRO A 49 -9.63 -12.51 2.99
C PRO A 49 -8.50 -11.65 3.52
N LEU A 50 -8.67 -10.33 3.51
CA LEU A 50 -7.63 -9.46 4.06
C LEU A 50 -7.51 -9.67 5.54
N TRP A 51 -8.65 -9.85 6.20
CA TRP A 51 -8.70 -10.11 7.62
C TRP A 51 -7.98 -11.43 7.94
N LEU A 52 -8.30 -12.44 7.15
CA LEU A 52 -7.75 -13.75 7.28
C LEU A 52 -6.22 -13.73 7.21
N ILE A 53 -5.68 -13.13 6.14
CA ILE A 53 -4.24 -12.96 6.02
C ILE A 53 -3.73 -12.28 7.31
N LYS A 54 -4.31 -11.15 7.68
CA LYS A 54 -3.89 -10.46 8.93
C LYS A 54 -3.79 -11.44 10.12
N GLU A 55 -4.86 -12.20 10.35
CA GLU A 55 -4.87 -13.22 11.42
C GLU A 55 -3.74 -14.23 11.28
N ARG A 56 -3.60 -14.82 10.10
CA ARG A 56 -2.53 -15.76 9.87
C ARG A 56 -1.14 -15.12 10.14
N VAL A 57 -0.94 -13.88 9.73
CA VAL A 57 0.35 -13.25 10.00
C VAL A 57 0.50 -13.07 11.51
N LYS A 58 -0.61 -12.73 12.16
CA LYS A 58 -0.55 -12.51 13.59
C LYS A 58 -0.19 -13.81 14.35
N GLU A 59 -0.82 -14.90 13.92
CA GLU A 59 -0.55 -16.18 14.51
C GLU A 59 0.91 -16.55 14.38
N HIS A 60 1.47 -16.37 13.20
CA HIS A 60 2.87 -16.66 12.95
C HIS A 60 3.76 -15.99 13.97
N PHE A 61 3.49 -14.73 14.30
CA PHE A 61 4.39 -14.03 15.21
C PHE A 61 4.20 -14.44 16.66
N TYR A 62 2.96 -14.75 17.05
CA TYR A 62 2.70 -15.18 18.42
C TYR A 62 3.28 -16.59 18.60
N LYS A 63 3.02 -17.46 17.64
CA LYS A 63 3.58 -18.78 17.68
C LYS A 63 5.09 -18.73 17.55
N GLN A 64 5.61 -17.75 16.81
CA GLN A 64 7.07 -17.53 16.74
C GLN A 64 7.63 -16.92 18.02
N TYR A 65 6.72 -16.45 18.87
CA TYR A 65 7.05 -15.78 20.14
C TYR A 65 7.09 -16.80 21.27
N VAL A 66 6.33 -17.88 21.08
CA VAL A 66 6.35 -19.02 21.98
C VAL A 66 7.50 -19.98 21.56
N GLY A 67 7.59 -20.30 20.27
CA GLY A 67 8.63 -21.21 19.76
C GLY A 67 10.03 -21.07 20.32
N ARG A 68 10.52 -19.82 20.38
CA ARG A 68 11.93 -19.47 20.69
C ARG A 68 12.07 -18.42 21.81
N PHE A 69 13.13 -18.45 22.63
CA PHE A 69 13.27 -17.36 23.61
C PHE A 69 13.72 -16.04 22.95
N GLY A 70 14.45 -16.16 21.84
CA GLY A 70 14.78 -15.00 21.01
C GLY A 70 13.60 -14.03 20.83
N THR A 71 12.60 -14.46 20.07
CA THR A 71 11.48 -13.58 19.65
C THR A 71 10.66 -12.84 20.74
N PRO A 72 10.45 -11.52 20.56
CA PRO A 72 9.62 -10.62 21.38
C PRO A 72 8.13 -10.71 21.11
N LEU A 73 7.33 -10.05 21.92
CA LEU A 73 5.91 -9.94 21.65
C LEU A 73 5.57 -8.75 20.74
N PHE A 74 4.93 -9.07 19.63
CA PHE A 74 4.49 -8.04 18.72
C PHE A 74 3.12 -7.53 19.11
N SER A 75 3.04 -6.27 19.52
CA SER A 75 1.73 -5.68 19.83
C SER A 75 1.09 -5.27 18.52
N VAL A 76 -0.20 -5.51 18.39
CA VAL A 76 -0.81 -5.31 17.11
C VAL A 76 -1.78 -4.18 17.12
N TYR A 77 -1.64 -3.28 16.17
CA TYR A 77 -2.53 -2.13 16.04
C TYR A 77 -3.22 -2.16 14.69
N ASP A 78 -4.51 -2.51 14.66
CA ASP A 78 -5.18 -2.66 13.38
C ASP A 78 -6.37 -1.71 13.25
N ASN A 79 -6.34 -0.64 14.05
CA ASN A 79 -7.45 0.27 14.07
C ASN A 79 -7.09 1.69 14.41
N LEU A 80 -5.93 2.11 13.89
CA LEU A 80 -5.48 3.46 13.95
C LEU A 80 -6.21 4.14 12.84
N SER A 81 -6.42 5.44 12.99
CA SER A 81 -7.08 6.23 11.97
C SER A 81 -6.15 6.43 10.79
N PRO A 82 -6.70 6.34 9.59
CA PRO A 82 -5.85 6.60 8.42
C PRO A 82 -5.51 8.08 8.25
N VAL A 83 -6.06 8.96 9.08
CA VAL A 83 -5.74 10.41 8.94
C VAL A 83 -4.43 10.69 9.66
N VAL A 84 -3.46 11.23 8.93
CA VAL A 84 -2.15 11.49 9.53
C VAL A 84 -1.60 12.79 8.97
N THR A 85 -0.48 13.23 9.52
CA THR A 85 0.14 14.48 9.09
C THR A 85 1.24 14.13 8.11
N THR A 86 1.49 15.04 7.19
CA THR A 86 2.57 14.86 6.27
C THR A 86 3.88 14.64 7.04
N TRP A 87 3.96 15.17 8.26
CA TRP A 87 5.14 14.91 9.06
C TRP A 87 5.26 13.43 9.39
N GLN A 88 4.13 12.78 9.72
CA GLN A 88 4.12 11.36 10.04
C GLN A 88 4.37 10.54 8.82
N ASN A 89 3.69 10.92 7.74
CA ASN A 89 3.67 10.05 6.57
C ASN A 89 4.97 10.13 5.77
N PHE A 90 5.62 11.30 5.84
CA PHE A 90 6.84 11.60 5.08
C PHE A 90 8.07 11.94 5.91
N ASP A 91 8.10 13.16 6.45
CA ASP A 91 9.22 13.66 7.26
C ASP A 91 9.84 12.72 8.29
N SER A 92 9.01 12.06 9.11
CA SER A 92 9.52 11.27 10.19
C SER A 92 10.26 10.11 9.59
N LEU A 93 9.89 9.70 8.37
CA LEU A 93 10.54 8.60 7.66
C LEU A 93 11.69 9.10 6.73
N LEU A 94 12.16 10.32 6.97
CA LEU A 94 13.31 10.91 6.22
C LEU A 94 13.08 11.21 4.74
N ILE A 95 11.83 11.28 4.32
CA ILE A 95 11.59 11.51 2.89
C ILE A 95 11.77 13.00 2.48
N PRO A 96 12.72 13.25 1.57
CA PRO A 96 13.11 14.64 1.28
C PRO A 96 11.93 15.47 0.85
N ALA A 97 11.94 16.77 1.15
CA ALA A 97 10.81 17.65 0.76
C ALA A 97 10.45 17.60 -0.72
N ASP A 98 11.41 17.30 -1.60
CA ASP A 98 11.22 17.40 -3.07
C ASP A 98 11.05 15.99 -3.68
N HIS A 99 10.74 15.02 -2.83
CA HIS A 99 10.71 13.62 -3.28
C HIS A 99 9.41 13.37 -4.05
N PRO A 100 9.48 12.69 -5.19
CA PRO A 100 8.27 12.55 -6.02
C PRO A 100 7.05 11.86 -5.32
N SER A 101 7.31 11.06 -4.29
CA SER A 101 6.21 10.33 -3.65
C SER A 101 5.25 11.27 -2.91
N ARG A 102 5.56 12.58 -2.90
CA ARG A 102 4.77 13.60 -2.21
C ARG A 102 3.81 14.31 -3.17
N LYS A 103 3.94 14.06 -4.48
CA LYS A 103 3.15 14.82 -5.45
C LYS A 103 1.66 14.82 -5.07
N LYS A 104 1.06 16.02 -5.12
CA LYS A 104 -0.40 16.17 -5.02
C LYS A 104 -1.09 15.15 -5.91
N GLY A 105 -0.45 14.80 -7.00
CA GLY A 105 -1.05 13.90 -7.97
C GLY A 105 -1.02 12.45 -7.55
N ASP A 106 -0.29 12.13 -6.48
CA ASP A 106 -0.24 10.75 -6.02
C ASP A 106 -0.90 10.48 -4.67
N ASN A 107 -1.36 11.52 -4.01
CA ASN A 107 -1.79 11.40 -2.62
C ASN A 107 -3.11 12.08 -2.42
N TYR A 108 -3.80 11.68 -1.36
CA TYR A 108 -5.06 12.27 -0.94
C TYR A 108 -4.80 13.19 0.24
N TYR A 109 -4.72 14.48 -0.04
CA TYR A 109 -4.44 15.48 0.96
C TYR A 109 -5.73 16.12 1.48
N LEU A 110 -5.92 16.09 2.78
CA LEU A 110 -7.01 16.83 3.35
C LEU A 110 -6.63 18.31 3.22
N ASN A 111 -5.33 18.56 3.22
CA ASN A 111 -4.79 19.90 3.01
C ASN A 111 -3.28 19.81 3.00
N ARG A 112 -2.62 20.90 3.40
CA ARG A 112 -1.16 20.97 3.40
C ARG A 112 -0.59 20.10 4.55
N THR A 113 -1.35 19.94 5.62
CA THR A 113 -0.77 19.31 6.79
C THR A 113 -1.32 17.91 7.05
N HIS A 114 -2.58 17.66 6.66
CA HIS A 114 -3.16 16.34 6.86
C HIS A 114 -3.43 15.59 5.60
N MET A 115 -3.40 14.26 5.69
CA MET A 115 -3.66 13.43 4.55
C MET A 115 -4.09 12.05 4.99
N LEU A 116 -4.52 11.25 4.02
CA LEU A 116 -4.83 9.84 4.26
C LEU A 116 -3.54 9.13 4.03
N ARG A 117 -3.11 8.35 4.99
CA ARG A 117 -1.80 7.80 4.94
C ARG A 117 -1.66 6.99 3.63
N ALA A 118 -0.47 7.07 3.04
CA ALA A 118 -0.19 6.40 1.80
C ALA A 118 0.52 5.08 2.09
N HIS A 119 0.89 4.89 3.35
CA HIS A 119 1.51 3.64 3.76
C HIS A 119 1.49 3.50 5.26
N THR A 120 1.47 2.27 5.72
CA THR A 120 1.45 2.08 7.18
C THR A 120 2.74 2.47 7.86
N SER A 121 3.80 2.77 7.09
CA SER A 121 5.06 3.20 7.68
C SER A 121 4.88 4.54 8.43
N ALA A 122 3.78 5.24 8.14
CA ALA A 122 3.48 6.54 8.71
C ALA A 122 3.35 6.50 10.23
N HIS A 123 3.20 5.28 10.77
CA HIS A 123 3.05 5.06 12.21
C HIS A 123 4.31 4.54 12.93
N GLN A 124 5.42 4.41 12.22
CA GLN A 124 6.59 3.79 12.86
C GLN A 124 7.06 4.72 13.97
N TRP A 125 7.39 5.95 13.60
CA TRP A 125 7.95 6.90 14.55
C TRP A 125 7.14 6.97 15.86
N ASP A 126 5.82 7.14 15.74
CA ASP A 126 4.92 7.23 16.89
C ASP A 126 4.99 6.02 17.80
N LEU A 127 4.92 4.85 17.19
CA LEU A 127 4.90 3.65 17.98
C LEU A 127 6.23 3.40 18.65
N LEU A 128 7.29 3.71 17.93
CA LEU A 128 8.66 3.53 18.43
C LEU A 128 8.96 4.57 19.56
N HIS A 129 8.56 5.80 19.32
CA HIS A 129 8.65 6.88 20.29
C HIS A 129 7.90 6.50 21.56
N ALA A 130 6.83 5.71 21.41
CA ALA A 130 6.12 5.24 22.59
C ALA A 130 6.89 4.11 23.33
N GLY A 131 8.17 3.92 23.02
CA GLY A 131 8.95 2.89 23.65
C GLY A 131 8.80 1.47 23.09
N LEU A 132 7.92 1.23 22.12
CA LEU A 132 7.76 -0.15 21.61
C LEU A 132 9.01 -0.71 20.87
N ASP A 133 9.22 -2.01 20.99
CA ASP A 133 10.35 -2.68 20.39
C ASP A 133 9.94 -3.59 19.24
N ALA A 134 8.72 -4.11 19.27
CA ALA A 134 8.25 -5.01 18.22
C ALA A 134 6.77 -4.79 18.05
N PHE A 135 6.34 -4.41 16.86
CA PHE A 135 4.91 -4.18 16.72
C PHE A 135 4.48 -4.37 15.28
N LEU A 136 3.22 -4.74 15.12
CA LEU A 136 2.62 -4.83 13.82
C LEU A 136 1.62 -3.67 13.68
N VAL A 137 1.49 -3.14 12.46
CA VAL A 137 0.44 -2.18 12.16
C VAL A 137 -0.27 -2.72 10.95
N VAL A 138 -1.61 -2.67 10.97
CA VAL A 138 -2.40 -3.12 9.84
C VAL A 138 -3.48 -2.09 9.56
N GLY A 139 -3.61 -1.64 8.31
CA GLY A 139 -4.60 -0.59 8.01
C GLY A 139 -4.90 -0.36 6.55
N ASP A 140 -5.97 0.39 6.29
CA ASP A 140 -6.26 0.89 4.93
C ASP A 140 -5.32 2.03 4.58
N VAL A 141 -4.70 1.95 3.42
CA VAL A 141 -3.82 3.03 2.94
C VAL A 141 -4.41 3.62 1.65
N TYR A 142 -4.02 4.84 1.32
CA TYR A 142 -4.65 5.55 0.21
C TYR A 142 -3.66 6.22 -0.73
N ARG A 143 -3.82 5.94 -2.03
CA ARG A 143 -2.95 6.46 -3.08
C ARG A 143 -3.73 6.70 -4.34
N ARG A 144 -3.46 7.86 -4.99
CA ARG A 144 -4.05 8.18 -6.30
C ARG A 144 -3.19 7.49 -7.31
N ASP A 145 -3.71 6.46 -7.93
CA ASP A 145 -2.95 5.81 -8.95
C ASP A 145 -3.85 5.49 -10.16
N GLN A 146 -3.35 4.61 -11.02
CA GLN A 146 -3.99 4.34 -12.29
C GLN A 146 -5.13 3.35 -12.05
N ILE A 147 -5.78 2.93 -13.11
CA ILE A 147 -6.89 2.00 -12.99
C ILE A 147 -6.69 0.71 -13.81
N ASP A 148 -6.56 -0.41 -13.11
CA ASP A 148 -6.54 -1.70 -13.78
C ASP A 148 -6.82 -2.77 -12.72
N SER A 149 -6.77 -4.04 -13.10
CA SER A 149 -7.29 -5.01 -12.22
C SER A 149 -6.38 -5.14 -11.00
N GLN A 150 -5.32 -4.38 -10.95
CA GLN A 150 -4.36 -4.56 -9.84
C GLN A 150 -4.08 -3.30 -9.01
N HIS A 151 -4.83 -2.22 -9.27
CA HIS A 151 -4.70 -0.97 -8.56
C HIS A 151 -6.07 -0.52 -8.12
N TYR A 152 -6.11 0.06 -6.93
CA TYR A 152 -7.33 0.51 -6.34
C TYR A 152 -6.95 1.66 -5.43
N PRO A 153 -7.82 2.67 -5.31
CA PRO A 153 -7.34 3.87 -4.57
C PRO A 153 -7.10 3.55 -3.11
N ILE A 154 -7.79 2.55 -2.59
CA ILE A 154 -7.59 2.07 -1.25
C ILE A 154 -7.04 0.65 -1.25
N PHE A 155 -6.01 0.40 -0.46
CA PHE A 155 -5.61 -0.98 -0.20
C PHE A 155 -5.16 -1.14 1.22
N HIS A 156 -4.59 -2.28 1.56
CA HIS A 156 -4.19 -2.49 2.95
C HIS A 156 -2.78 -2.99 3.08
N GLN A 157 -2.10 -2.51 4.11
CA GLN A 157 -0.76 -2.96 4.36
C GLN A 157 -0.63 -3.53 5.76
N LEU A 158 0.30 -4.46 5.94
CA LEU A 158 0.71 -4.83 7.27
C LEU A 158 2.18 -4.39 7.48
N GLU A 159 2.41 -3.55 8.47
CA GLU A 159 3.76 -3.10 8.84
C GLU A 159 4.35 -3.96 9.99
N ALA A 160 5.66 -4.08 10.07
CA ALA A 160 6.30 -4.72 11.22
C ALA A 160 7.63 -4.06 11.54
N VAL A 161 7.86 -3.74 12.80
CA VAL A 161 9.14 -3.17 13.23
C VAL A 161 9.70 -4.08 14.32
N ARG A 162 10.99 -4.27 14.38
CA ARG A 162 11.55 -5.15 15.38
C ARG A 162 12.89 -4.55 15.75
N LEU A 163 13.08 -4.15 17.00
CA LEU A 163 14.36 -3.57 17.42
C LEU A 163 15.19 -4.61 18.10
N PHE A 164 16.51 -4.36 18.10
CA PHE A 164 17.48 -5.25 18.76
C PHE A 164 18.44 -4.49 19.66
N SER A 165 18.70 -5.00 20.86
CA SER A 165 19.73 -4.37 21.67
C SER A 165 21.01 -5.10 21.31
N LYS A 166 22.13 -4.45 21.65
CA LYS A 166 23.47 -5.02 21.40
C LYS A 166 23.61 -6.48 21.91
N HIS A 167 23.29 -6.63 23.18
CA HIS A 167 23.47 -7.86 23.91
C HIS A 167 22.52 -8.94 23.41
N GLU A 168 21.34 -8.54 22.99
CA GLU A 168 20.42 -9.47 22.40
C GLU A 168 20.89 -9.96 21.04
N LEU A 169 21.35 -9.04 20.19
CA LEU A 169 21.83 -9.39 18.85
C LEU A 169 23.03 -10.32 18.89
N PHE A 170 23.97 -10.04 19.78
CA PHE A 170 25.17 -10.87 19.85
C PHE A 170 25.12 -11.87 20.96
N ALA A 171 23.92 -12.25 21.41
CA ALA A 171 23.78 -13.07 22.62
C ALA A 171 24.41 -14.45 22.52
N GLY A 172 24.51 -14.97 21.31
CA GLY A 172 24.88 -16.36 21.14
C GLY A 172 26.32 -16.62 20.74
N ILE A 173 27.23 -15.73 21.10
CA ILE A 173 28.65 -15.90 20.71
C ILE A 173 29.62 -15.75 21.89
N LYS A 174 30.74 -16.49 21.82
CA LYS A 174 31.93 -16.29 22.66
C LYS A 174 32.20 -14.89 23.26
N ASP A 175 33.15 -14.16 22.67
CA ASP A 175 33.65 -12.85 23.12
C ASP A 175 32.61 -11.74 22.85
N GLY A 176 31.37 -12.16 22.71
CA GLY A 176 30.29 -11.30 22.27
C GLY A 176 30.33 -9.83 22.62
N GLU A 177 30.40 -9.51 23.92
CA GLU A 177 30.18 -8.11 24.37
C GLU A 177 31.25 -7.12 23.93
N SER A 178 32.30 -7.64 23.28
CA SER A 178 33.29 -6.83 22.62
C SER A 178 32.85 -6.46 21.16
N LEU A 179 31.68 -6.94 20.71
CA LEU A 179 31.09 -6.59 19.40
C LEU A 179 30.13 -5.43 19.59
N GLN A 180 29.84 -4.68 18.53
CA GLN A 180 28.99 -3.48 18.69
C GLN A 180 27.92 -3.31 17.62
N LEU A 181 26.92 -2.47 17.90
CA LEU A 181 25.94 -2.14 16.86
C LEU A 181 26.46 -1.03 15.97
N PHE A 182 27.16 -0.08 16.60
CA PHE A 182 27.52 1.20 15.96
C PHE A 182 29.01 1.49 15.75
N GLU A 183 29.28 2.52 14.95
CA GLU A 183 30.63 3.01 14.63
C GLU A 183 30.49 4.24 13.76
N GLN A 184 31.59 4.79 13.28
CA GLN A 184 31.50 5.89 12.35
C GLN A 184 32.40 5.57 11.19
N SER A 185 31.88 4.80 10.24
CA SER A 185 32.52 4.61 8.94
C SER A 185 31.61 5.27 7.94
N SER A 186 31.61 4.77 6.70
CA SER A 186 30.84 5.40 5.63
C SER A 186 29.79 4.44 5.17
N ARG A 187 28.79 5.00 4.50
CA ARG A 187 27.70 4.23 3.93
C ARG A 187 28.21 3.51 2.72
N SER A 188 27.77 2.28 2.51
CA SER A 188 28.10 1.58 1.28
C SER A 188 26.80 0.99 0.79
N ALA A 189 26.86 0.11 -0.23
CA ALA A 189 25.67 -0.57 -0.75
C ALA A 189 25.11 -1.53 0.30
N HIS A 190 25.98 -1.94 1.22
CA HIS A 190 25.60 -2.93 2.20
C HIS A 190 25.26 -2.39 3.59
N LYS A 191 25.47 -1.09 3.86
CA LYS A 191 25.23 -0.63 5.23
C LYS A 191 25.27 0.88 5.43
N GLN A 192 24.61 1.33 6.47
CA GLN A 192 24.61 2.74 6.82
C GLN A 192 25.98 3.06 7.42
N GLU A 193 26.27 4.36 7.49
CA GLU A 193 27.52 4.80 8.04
C GLU A 193 27.70 4.52 9.53
N THR A 194 26.65 4.56 10.34
CA THR A 194 26.86 4.36 11.77
C THR A 194 26.60 2.91 12.22
N HIS A 195 26.71 1.98 11.28
CA HIS A 195 26.42 0.60 11.62
C HIS A 195 27.64 -0.25 11.42
N THR A 196 27.78 -1.30 12.21
CA THR A 196 28.83 -2.27 12.02
C THR A 196 28.30 -3.33 11.04
N MET A 197 29.17 -3.90 10.23
CA MET A 197 28.77 -4.92 9.29
C MET A 197 28.34 -6.13 10.10
N GLU A 198 28.99 -6.37 11.24
CA GLU A 198 28.59 -7.46 12.14
C GLU A 198 27.09 -7.38 12.46
N ALA A 199 26.70 -6.21 12.93
CA ALA A 199 25.33 -5.89 13.25
C ALA A 199 24.38 -5.99 11.99
N VAL A 200 24.79 -5.42 10.86
CA VAL A 200 23.89 -5.38 9.72
C VAL A 200 23.63 -6.78 9.23
N LYS A 201 24.68 -7.59 9.20
CA LYS A 201 24.55 -8.97 8.74
C LYS A 201 23.54 -9.74 9.61
N LEU A 202 23.60 -9.60 10.92
CA LEU A 202 22.69 -10.39 11.71
C LEU A 202 21.25 -9.89 11.60
N VAL A 203 21.05 -8.58 11.62
CA VAL A 203 19.73 -8.02 11.48
C VAL A 203 19.10 -8.40 10.14
N GLU A 204 19.90 -8.36 9.07
CA GLU A 204 19.39 -8.66 7.74
C GLU A 204 19.03 -10.13 7.63
N PHE A 205 19.81 -10.97 8.29
CA PHE A 205 19.55 -12.39 8.31
C PHE A 205 18.22 -12.60 9.04
N ASP A 206 18.03 -11.89 10.13
CA ASP A 206 16.83 -12.08 10.90
C ASP A 206 15.56 -11.67 10.09
N LEU A 207 15.66 -10.52 9.44
CA LEU A 207 14.61 -10.05 8.62
C LEU A 207 14.24 -11.13 7.61
N LYS A 208 15.22 -11.56 6.81
CA LYS A 208 14.93 -12.50 5.70
C LYS A 208 14.35 -13.82 6.16
N GLN A 209 14.80 -14.25 7.34
CA GLN A 209 14.43 -15.55 7.82
C GLN A 209 13.00 -15.48 8.26
N THR A 210 12.68 -14.46 9.05
CA THR A 210 11.31 -14.24 9.49
C THR A 210 10.35 -14.19 8.33
N LEU A 211 10.66 -13.36 7.35
CA LEU A 211 9.80 -13.22 6.20
C LEU A 211 9.68 -14.53 5.43
N THR A 212 10.76 -15.28 5.39
CA THR A 212 10.77 -16.52 4.62
C THR A 212 9.93 -17.58 5.33
N ARG A 213 10.13 -17.75 6.64
CA ARG A 213 9.34 -18.68 7.46
C ARG A 213 7.87 -18.34 7.32
N LEU A 214 7.57 -17.06 7.51
CA LEU A 214 6.22 -16.56 7.40
C LEU A 214 5.59 -16.90 6.05
N MET A 215 6.32 -16.59 4.99
CA MET A 215 5.82 -16.75 3.65
C MET A 215 5.58 -18.25 3.47
N ALA A 216 6.44 -19.04 4.10
CA ALA A 216 6.35 -20.48 3.95
C ALA A 216 5.15 -21.03 4.77
N HIS A 217 4.78 -20.33 5.83
CA HIS A 217 3.60 -20.65 6.63
C HIS A 217 2.36 -20.51 5.74
N LEU A 218 2.27 -19.36 5.08
CA LEU A 218 1.15 -18.99 4.24
C LEU A 218 0.99 -19.82 2.96
N PHE A 219 2.07 -20.11 2.26
CA PHE A 219 1.97 -20.83 0.97
C PHE A 219 2.54 -22.25 1.00
N GLY A 220 2.94 -22.71 2.17
CA GLY A 220 3.63 -24.00 2.28
C GLY A 220 4.97 -23.99 1.56
N ASP A 221 5.71 -25.11 1.68
CA ASP A 221 7.09 -25.23 1.13
C ASP A 221 7.15 -25.24 -0.40
N GLU A 222 6.11 -24.73 -1.06
CA GLU A 222 6.08 -24.77 -2.50
C GLU A 222 6.61 -23.54 -3.26
N LEU A 223 6.59 -22.36 -2.64
CA LEU A 223 6.67 -21.15 -3.43
C LEU A 223 8.08 -20.78 -3.80
N GLU A 224 8.20 -20.04 -4.89
CA GLU A 224 9.44 -19.45 -5.38
C GLU A 224 9.52 -17.97 -5.02
N ILE A 225 10.48 -17.60 -4.18
CA ILE A 225 10.67 -16.20 -3.90
C ILE A 225 12.05 -15.71 -4.33
N ARG A 226 12.27 -14.42 -4.30
CA ARG A 226 13.62 -13.90 -4.51
C ARG A 226 13.74 -12.51 -3.85
N TRP A 227 14.90 -12.19 -3.30
CA TRP A 227 15.12 -10.87 -2.73
C TRP A 227 15.70 -9.98 -3.79
N VAL A 228 15.25 -8.73 -3.84
CA VAL A 228 15.70 -7.77 -4.82
C VAL A 228 16.22 -6.54 -4.07
N ASP A 229 17.40 -6.05 -4.41
CA ASP A 229 17.96 -4.89 -3.79
C ASP A 229 17.27 -3.66 -4.29
N CYS A 230 16.85 -2.76 -3.40
CA CYS A 230 16.18 -1.57 -3.82
C CYS A 230 16.49 -0.48 -2.84
N TYR A 231 15.73 0.62 -2.90
CA TYR A 231 15.99 1.80 -2.07
C TYR A 231 14.69 2.37 -1.44
N PHE A 232 14.77 2.76 -0.16
CA PHE A 232 13.72 3.50 0.50
C PHE A 232 14.49 4.47 1.38
N PRO A 233 13.98 5.72 1.52
CA PRO A 233 14.66 6.67 2.36
C PRO A 233 14.65 6.27 3.80
N PHE A 234 13.76 5.39 4.19
CA PHE A 234 13.73 5.06 5.63
C PHE A 234 14.37 3.71 6.03
N THR A 235 15.14 3.11 5.13
CA THR A 235 15.85 1.85 5.46
C THR A 235 17.10 1.77 4.62
N HIS A 236 18.06 0.96 5.07
CA HIS A 236 19.27 0.73 4.31
C HIS A 236 20.18 -0.27 5.03
N PRO A 237 20.54 -1.38 4.34
CA PRO A 237 20.04 -1.68 3.00
C PRO A 237 18.53 -1.99 3.00
N SER A 238 17.92 -2.02 1.80
CA SER A 238 16.51 -2.31 1.68
C SER A 238 16.31 -3.37 0.60
N PHE A 239 15.23 -4.14 0.71
CA PHE A 239 14.91 -5.16 -0.29
C PHE A 239 13.43 -5.16 -0.60
N GLU A 240 13.08 -5.64 -1.78
CA GLU A 240 11.71 -6.02 -2.06
C GLU A 240 11.74 -7.54 -2.18
N MET A 241 10.71 -8.22 -1.72
CA MET A 241 10.66 -9.64 -1.89
C MET A 241 9.66 -9.89 -3.00
N GLU A 242 10.07 -10.71 -3.96
CA GLU A 242 9.17 -11.03 -5.07
C GLU A 242 8.71 -12.45 -5.00
N ILE A 243 7.48 -12.69 -5.38
CA ILE A 243 7.06 -14.07 -5.50
C ILE A 243 6.82 -14.38 -6.97
N ASN A 244 7.20 -15.57 -7.43
CA ASN A 244 6.87 -15.92 -8.82
C ASN A 244 5.49 -16.49 -8.90
N PHE A 245 4.62 -15.87 -9.71
CA PHE A 245 3.24 -16.30 -9.80
C PHE A 245 2.76 -16.11 -11.21
N HIS A 246 2.13 -17.13 -11.79
CA HIS A 246 1.74 -17.09 -13.18
C HIS A 246 2.85 -16.63 -14.09
N GLY A 247 4.08 -17.05 -13.77
CA GLY A 247 5.22 -16.87 -14.65
C GLY A 247 5.79 -15.48 -14.55
N GLU A 248 5.66 -14.84 -13.41
CA GLU A 248 6.06 -13.46 -13.32
C GLU A 248 6.49 -13.21 -11.92
N TRP A 249 7.56 -12.43 -11.77
CA TRP A 249 8.06 -12.06 -10.45
C TRP A 249 7.26 -10.87 -9.95
N LEU A 250 6.31 -11.10 -9.05
CA LEU A 250 5.57 -9.99 -8.43
C LEU A 250 6.11 -9.57 -7.06
N GLU A 251 6.32 -8.26 -6.83
CA GLU A 251 6.78 -7.79 -5.50
C GLU A 251 5.62 -7.76 -4.56
N VAL A 252 5.78 -8.35 -3.38
CA VAL A 252 4.71 -8.29 -2.38
C VAL A 252 5.04 -7.52 -1.07
N LEU A 253 6.26 -6.96 -0.94
CA LEU A 253 6.62 -6.21 0.28
C LEU A 253 7.89 -5.43 0.13
N GLY A 254 8.04 -4.40 0.94
CA GLY A 254 9.30 -3.65 1.05
C GLY A 254 9.88 -3.87 2.45
N CYS A 255 11.18 -3.75 2.64
CA CYS A 255 11.74 -3.99 3.97
C CYS A 255 13.21 -3.60 4.01
N GLY A 256 13.81 -3.68 5.19
CA GLY A 256 15.23 -3.38 5.30
C GLY A 256 15.63 -3.06 6.71
N VAL A 257 16.87 -2.61 6.85
CA VAL A 257 17.37 -2.18 8.14
C VAL A 257 16.98 -0.74 8.30
N MET A 258 16.35 -0.42 9.43
CA MET A 258 15.87 0.94 9.66
C MET A 258 16.97 1.96 9.70
N GLU A 259 16.72 3.05 8.98
CA GLU A 259 17.60 4.18 9.03
C GLU A 259 17.82 4.52 10.48
N GLN A 260 19.06 4.55 10.90
CA GLN A 260 19.35 4.82 12.31
C GLN A 260 18.87 6.19 12.79
N GLN A 261 18.88 7.20 11.91
CA GLN A 261 18.45 8.52 12.37
C GLN A 261 16.96 8.48 12.73
N LEU A 262 16.24 7.58 12.06
CA LEU A 262 14.83 7.42 12.36
C LEU A 262 14.72 6.89 13.78
N VAL A 263 15.46 5.83 14.09
CA VAL A 263 15.32 5.13 15.37
C VAL A 263 15.81 6.03 16.49
N ASN A 264 16.86 6.79 16.21
CA ASN A 264 17.35 7.74 17.17
C ASN A 264 16.37 8.86 17.45
N SER A 265 15.71 9.39 16.43
CA SER A 265 14.82 10.51 16.66
C SER A 265 13.57 10.07 17.41
N ALA A 266 13.37 8.77 17.57
CA ALA A 266 12.21 8.24 18.28
C ALA A 266 12.56 8.01 19.75
N GLY A 267 13.85 7.98 20.08
CA GLY A 267 14.22 7.75 21.45
C GLY A 267 14.80 6.38 21.77
N ALA A 268 15.24 5.68 20.77
CA ALA A 268 15.88 4.42 21.06
C ALA A 268 17.28 4.39 20.47
N GLN A 269 18.18 5.27 20.92
CA GLN A 269 19.51 5.32 20.23
C GLN A 269 20.37 4.07 20.47
N ASP A 270 19.82 3.14 21.26
CA ASP A 270 20.54 1.96 21.67
C ASP A 270 20.03 0.71 20.98
N ARG A 271 19.20 0.88 19.95
CA ARG A 271 18.63 -0.26 19.25
C ARG A 271 18.92 -0.20 17.75
N ILE A 272 18.90 -1.38 17.14
CA ILE A 272 19.00 -1.48 15.70
C ILE A 272 17.80 -2.32 15.28
N GLY A 273 17.17 -1.98 14.17
CA GLY A 273 15.93 -2.65 13.84
C GLY A 273 15.77 -3.02 12.39
N TRP A 274 14.84 -3.93 12.12
CA TRP A 274 14.40 -4.06 10.76
C TRP A 274 12.96 -3.62 10.72
N ALA A 275 12.47 -3.37 9.50
CA ALA A 275 11.05 -3.07 9.28
C ALA A 275 10.60 -3.68 7.95
N PHE A 276 9.33 -4.01 7.82
CA PHE A 276 8.85 -4.36 6.48
C PHE A 276 7.41 -3.90 6.34
N GLY A 277 6.95 -3.73 5.11
CA GLY A 277 5.55 -3.39 4.82
C GLY A 277 5.08 -4.35 3.71
N LEU A 278 3.99 -5.08 3.95
CA LEU A 278 3.51 -5.93 2.89
C LEU A 278 2.09 -5.56 2.43
N GLY A 279 1.84 -5.64 1.13
CA GLY A 279 0.54 -5.31 0.58
C GLY A 279 -0.35 -6.51 0.75
N LEU A 280 -1.41 -6.33 1.55
CA LEU A 280 -2.33 -7.43 1.78
C LEU A 280 -3.02 -7.95 0.52
N GLU A 281 -3.47 -7.04 -0.33
CA GLU A 281 -4.27 -7.43 -1.51
C GLU A 281 -3.35 -8.23 -2.43
N ARG A 282 -2.16 -7.69 -2.60
CA ARG A 282 -1.18 -8.26 -3.50
C ARG A 282 -0.86 -9.72 -3.09
N LEU A 283 -0.73 -9.94 -1.80
CA LEU A 283 -0.50 -11.26 -1.30
C LEU A 283 -1.75 -12.12 -1.40
N ALA A 284 -2.90 -11.55 -1.09
CA ALA A 284 -4.18 -12.28 -1.16
C ALA A 284 -4.43 -12.80 -2.57
N MET A 285 -4.25 -11.94 -3.55
CA MET A 285 -4.51 -12.28 -4.95
C MET A 285 -3.65 -13.42 -5.43
N ILE A 286 -2.46 -13.55 -4.85
CA ILE A 286 -1.58 -14.62 -5.22
C ILE A 286 -1.94 -15.88 -4.43
N LEU A 287 -2.19 -15.70 -3.14
CA LEU A 287 -2.44 -16.82 -2.27
C LEU A 287 -3.76 -17.51 -2.63
N TYR A 288 -4.73 -16.73 -3.11
CA TYR A 288 -6.06 -17.26 -3.36
C TYR A 288 -6.44 -17.16 -4.84
N ASP A 289 -5.49 -16.73 -5.64
CA ASP A 289 -5.76 -16.61 -7.05
C ASP A 289 -7.03 -15.80 -7.29
N ILE A 290 -7.02 -14.57 -6.77
CA ILE A 290 -8.07 -13.58 -6.93
C ILE A 290 -7.67 -12.65 -8.07
N PRO A 291 -8.43 -12.66 -9.17
CA PRO A 291 -8.02 -11.99 -10.41
C PRO A 291 -8.08 -10.46 -10.40
N ASP A 292 -9.02 -9.87 -9.68
CA ASP A 292 -9.23 -8.42 -9.79
C ASP A 292 -9.38 -7.83 -8.41
N ILE A 293 -8.61 -6.78 -8.15
CA ILE A 293 -8.63 -6.16 -6.82
C ILE A 293 -10.04 -5.75 -6.38
N ARG A 294 -10.88 -5.43 -7.37
CA ARG A 294 -12.26 -5.03 -7.11
C ARG A 294 -13.04 -6.02 -6.26
N LEU A 295 -12.78 -7.31 -6.44
CA LEU A 295 -13.43 -8.35 -5.65
C LEU A 295 -13.35 -8.10 -4.13
N PHE A 296 -12.36 -7.36 -3.65
CA PHE A 296 -12.31 -7.18 -2.20
C PHE A 296 -13.45 -6.36 -1.63
N TRP A 297 -14.09 -5.64 -2.51
CA TRP A 297 -15.09 -4.71 -2.11
C TRP A 297 -16.49 -5.09 -2.55
N CYS A 298 -16.64 -6.17 -3.28
CA CYS A 298 -17.96 -6.55 -3.68
C CYS A 298 -18.58 -7.34 -2.52
N GLU A 299 -19.90 -7.32 -2.39
CA GLU A 299 -20.51 -8.01 -1.28
C GLU A 299 -21.23 -9.25 -1.79
N ASP A 300 -20.92 -9.65 -3.01
CA ASP A 300 -21.38 -10.91 -3.57
C ASP A 300 -20.96 -12.22 -2.82
N GLU A 301 -21.95 -13.02 -2.37
CA GLU A 301 -21.66 -14.24 -1.59
C GLU A 301 -20.81 -15.26 -2.35
N ARG A 302 -21.03 -15.35 -3.66
CA ARG A 302 -20.23 -16.26 -4.49
C ARG A 302 -18.75 -16.12 -4.15
N PHE A 303 -18.35 -14.88 -3.81
CA PHE A 303 -17.00 -14.54 -3.37
C PHE A 303 -16.85 -14.66 -1.83
N LEU A 304 -17.46 -13.75 -1.10
CA LEU A 304 -17.29 -13.73 0.36
C LEU A 304 -17.42 -15.08 1.07
N LYS A 305 -18.48 -15.84 0.78
CA LYS A 305 -18.72 -17.15 1.39
C LYS A 305 -17.47 -18.03 1.38
N GLN A 306 -16.74 -18.02 0.28
CA GLN A 306 -15.59 -18.91 0.11
C GLN A 306 -14.51 -18.72 1.15
N PHE A 307 -14.64 -17.68 1.98
CA PHE A 307 -13.64 -17.38 3.00
C PHE A 307 -14.09 -17.62 4.44
N CYS A 308 -15.32 -18.07 4.61
CA CYS A 308 -15.82 -18.56 5.89
C CYS A 308 -15.17 -19.90 6.21
N VAL A 309 -14.22 -19.93 7.13
CA VAL A 309 -13.60 -21.20 7.48
C VAL A 309 -13.56 -21.43 8.98
N SER A 310 -13.50 -22.70 9.39
CA SER A 310 -13.55 -23.07 10.80
C SER A 310 -12.34 -22.57 11.56
N ASN A 311 -11.16 -22.75 10.99
CA ASN A 311 -9.97 -22.16 11.57
C ASN A 311 -9.13 -21.45 10.49
N ILE A 312 -8.39 -20.42 10.88
CA ILE A 312 -7.72 -19.56 9.94
C ILE A 312 -6.74 -20.35 9.09
N ASN A 313 -6.42 -21.56 9.53
CA ASN A 313 -5.49 -22.40 8.76
C ASN A 313 -6.13 -23.39 7.80
N GLN A 314 -7.46 -23.42 7.78
CA GLN A 314 -8.20 -24.30 6.90
C GLN A 314 -8.10 -23.87 5.43
N LYS A 315 -6.90 -24.04 4.86
CA LYS A 315 -6.60 -23.72 3.46
C LYS A 315 -7.84 -23.65 2.55
N VAL A 316 -8.23 -22.42 2.18
CA VAL A 316 -9.39 -22.19 1.30
C VAL A 316 -9.04 -22.36 -0.20
N LYS A 317 -10.00 -22.87 -0.97
CA LYS A 317 -9.75 -23.20 -2.39
C LYS A 317 -10.45 -22.21 -3.34
N PHE A 318 -9.92 -21.01 -3.54
CA PHE A 318 -10.72 -19.99 -4.24
C PHE A 318 -11.17 -20.31 -5.66
N GLN A 319 -12.48 -20.45 -5.82
CA GLN A 319 -13.11 -20.81 -7.08
C GLN A 319 -13.59 -19.60 -7.90
N PRO A 320 -12.82 -19.22 -8.93
CA PRO A 320 -13.03 -17.99 -9.71
C PRO A 320 -14.45 -17.87 -10.17
N LEU A 321 -14.99 -16.66 -10.17
CA LEU A 321 -16.32 -16.44 -10.70
C LEU A 321 -16.24 -16.46 -12.21
N SER A 322 -17.39 -16.41 -12.88
CA SER A 322 -17.36 -16.37 -14.35
C SER A 322 -16.87 -15.01 -14.76
N LYS A 323 -16.20 -14.90 -15.89
CA LYS A 323 -15.83 -13.59 -16.35
C LYS A 323 -16.85 -13.11 -17.39
N TYR A 324 -17.42 -11.93 -17.14
CA TYR A 324 -18.44 -11.37 -18.01
C TYR A 324 -17.86 -10.50 -19.10
N PRO A 325 -18.66 -10.24 -20.12
CA PRO A 325 -18.20 -9.47 -21.26
C PRO A 325 -17.99 -7.98 -20.89
N ALA A 326 -17.09 -7.32 -21.60
CA ALA A 326 -16.77 -5.93 -21.35
C ALA A 326 -17.36 -5.12 -22.49
N VAL A 327 -17.62 -3.85 -22.21
CA VAL A 327 -17.96 -2.91 -23.24
C VAL A 327 -16.83 -1.91 -23.20
N ILE A 328 -16.31 -1.55 -24.37
CA ILE A 328 -15.17 -0.60 -24.48
C ILE A 328 -15.52 0.73 -25.13
N ASN A 329 -15.16 1.84 -24.51
CA ASN A 329 -15.46 3.17 -25.08
C ASN A 329 -14.28 4.10 -24.95
N ASP A 330 -13.85 4.69 -26.07
CA ASP A 330 -12.84 5.70 -26.03
C ASP A 330 -13.47 7.04 -25.62
N ILE A 331 -12.63 7.96 -25.17
CA ILE A 331 -13.07 9.31 -24.86
C ILE A 331 -11.89 10.27 -25.01
N SER A 332 -12.01 11.23 -25.92
CA SER A 332 -10.92 12.19 -26.12
C SER A 332 -11.37 13.61 -25.77
N PHE A 333 -10.42 14.47 -25.47
CA PHE A 333 -10.72 15.85 -25.14
C PHE A 333 -9.45 16.66 -24.96
N TRP A 334 -9.62 17.97 -24.89
CA TRP A 334 -8.53 18.92 -24.84
C TRP A 334 -8.26 19.31 -23.39
N LEU A 335 -7.02 19.18 -22.93
CA LEU A 335 -6.65 19.57 -21.58
C LEU A 335 -6.75 21.07 -21.38
N PRO A 336 -7.21 21.50 -20.19
CA PRO A 336 -7.23 22.94 -19.89
C PRO A 336 -5.87 23.59 -20.20
N SER A 337 -5.80 24.93 -20.28
CA SER A 337 -4.50 25.59 -20.53
C SER A 337 -3.53 25.43 -19.34
N GLU A 338 -2.76 24.33 -19.32
CA GLU A 338 -1.83 24.04 -18.21
C GLU A 338 -2.57 23.86 -16.88
N ASN A 339 -3.59 23.01 -16.86
CA ASN A 339 -4.30 22.72 -15.62
C ASN A 339 -4.86 21.30 -15.73
N TYR A 340 -4.11 20.33 -15.21
CA TYR A 340 -4.51 18.95 -15.45
C TYR A 340 -3.53 17.96 -14.94
N ALA A 341 -4.10 16.87 -14.47
CA ALA A 341 -3.37 15.74 -13.97
C ALA A 341 -4.14 14.52 -14.45
N GLU A 342 -3.42 13.58 -15.04
CA GLU A 342 -3.95 12.32 -15.48
C GLU A 342 -4.76 11.60 -14.37
N ASN A 343 -4.21 11.62 -13.14
CA ASN A 343 -4.87 11.00 -11.99
C ASN A 343 -6.17 11.75 -11.63
N ASP A 344 -6.28 13.03 -12.01
CA ASP A 344 -7.54 13.74 -11.82
C ASP A 344 -8.65 13.03 -12.55
N PHE A 345 -8.32 12.54 -13.73
CA PHE A 345 -9.31 11.95 -14.59
C PHE A 345 -9.66 10.57 -14.05
N TYR A 346 -8.64 9.86 -13.60
CA TYR A 346 -8.90 8.55 -13.04
C TYR A 346 -9.83 8.61 -11.82
N ASP A 347 -9.72 9.67 -11.03
CA ASP A 347 -10.61 9.90 -9.92
C ASP A 347 -12.06 10.09 -10.40
N LEU A 348 -12.21 10.85 -11.47
CA LEU A 348 -13.53 11.13 -12.01
C LEU A 348 -14.14 9.84 -12.53
N VAL A 349 -13.28 8.97 -13.07
CA VAL A 349 -13.76 7.68 -13.51
C VAL A 349 -14.12 6.78 -12.34
N ARG A 350 -13.49 7.02 -11.19
CA ARG A 350 -13.81 6.20 -10.01
C ARG A 350 -15.15 6.69 -9.49
N THR A 351 -15.28 8.00 -9.45
CA THR A 351 -16.52 8.61 -9.03
C THR A 351 -17.70 8.20 -9.90
N ILE A 352 -17.64 8.46 -11.20
CA ILE A 352 -18.78 8.19 -12.06
C ILE A 352 -18.96 6.71 -12.33
N GLY A 353 -17.93 6.06 -12.84
CA GLY A 353 -18.01 4.65 -13.22
C GLY A 353 -17.91 3.71 -12.03
N GLY A 354 -17.37 4.18 -10.92
CA GLY A 354 -17.38 3.36 -9.75
C GLY A 354 -16.68 2.05 -10.07
N ASP A 355 -17.25 0.95 -9.61
CA ASP A 355 -16.57 -0.31 -9.80
C ASP A 355 -16.92 -0.95 -11.08
N LEU A 356 -17.72 -0.27 -11.89
CA LEU A 356 -18.11 -0.79 -13.21
C LEU A 356 -16.92 -0.82 -14.15
N VAL A 357 -15.91 -0.02 -13.83
CA VAL A 357 -14.77 0.16 -14.72
C VAL A 357 -13.64 -0.80 -14.39
N GLU A 358 -13.10 -1.48 -15.40
CA GLU A 358 -12.04 -2.43 -15.15
C GLU A 358 -10.67 -1.81 -15.40
N LYS A 359 -10.55 -1.03 -16.46
CA LYS A 359 -9.29 -0.33 -16.71
C LYS A 359 -9.47 0.86 -17.58
N VAL A 360 -8.54 1.78 -17.38
CA VAL A 360 -8.44 2.97 -18.20
C VAL A 360 -7.00 3.13 -18.76
N ASP A 361 -6.86 3.17 -20.08
CA ASP A 361 -5.55 3.32 -20.73
C ASP A 361 -5.53 4.68 -21.37
N LEU A 362 -4.42 5.38 -21.25
CA LEU A 362 -4.21 6.58 -22.03
C LEU A 362 -3.60 6.12 -23.35
N ILE A 363 -4.43 5.91 -24.37
CA ILE A 363 -3.93 5.45 -25.65
C ILE A 363 -3.26 6.56 -26.48
N ASP A 364 -3.82 7.76 -26.49
CA ASP A 364 -3.23 8.77 -27.32
C ASP A 364 -3.05 10.11 -26.65
N LYS A 365 -1.96 10.77 -27.03
CA LYS A 365 -1.70 12.16 -26.64
C LYS A 365 -1.02 12.91 -27.79
N PHE A 366 -1.36 14.16 -28.00
CA PHE A 366 -0.68 14.97 -29.02
C PHE A 366 -0.98 16.48 -28.93
N VAL A 367 -0.03 17.31 -29.41
CA VAL A 367 -0.22 18.77 -29.37
C VAL A 367 -0.76 19.31 -30.67
N HIS A 368 -1.78 20.15 -30.60
CA HIS A 368 -2.32 20.78 -31.81
C HIS A 368 -1.55 22.04 -32.10
N PRO A 369 -0.97 22.10 -33.32
CA PRO A 369 -0.18 23.27 -33.74
C PRO A 369 -0.91 24.62 -33.67
N LYS A 370 -2.08 24.68 -34.30
CA LYS A 370 -2.84 25.94 -34.37
C LYS A 370 -3.14 26.51 -32.99
N THR A 371 -3.58 25.65 -32.08
CA THR A 371 -4.08 26.16 -30.81
C THR A 371 -3.15 25.94 -29.63
N HIS A 372 -2.18 25.04 -29.78
CA HIS A 372 -1.24 24.68 -28.68
C HIS A 372 -1.95 23.83 -27.60
N LYS A 373 -3.20 23.46 -27.84
CA LYS A 373 -3.92 22.64 -26.86
C LYS A 373 -3.46 21.16 -26.93
N THR A 374 -3.53 20.46 -25.80
CA THR A 374 -3.15 19.06 -25.78
C THR A 374 -4.37 18.15 -25.76
N SER A 375 -4.23 16.98 -26.39
CA SER A 375 -5.38 16.09 -26.57
C SER A 375 -5.07 14.72 -25.99
N HIS A 376 -5.94 14.29 -25.09
CA HIS A 376 -5.85 12.98 -24.48
C HIS A 376 -6.98 12.13 -25.02
N CYS A 377 -6.65 10.88 -25.32
CA CYS A 377 -7.64 9.90 -25.66
C CYS A 377 -7.37 8.71 -24.77
N TYR A 378 -8.40 8.31 -24.02
CA TYR A 378 -8.37 7.19 -23.07
C TYR A 378 -9.32 6.05 -23.51
N ARG A 379 -8.93 4.80 -23.27
CA ARG A 379 -9.81 3.67 -23.56
C ARG A 379 -10.33 3.16 -22.25
N ILE A 380 -11.66 3.08 -22.12
CA ILE A 380 -12.29 2.62 -20.88
C ILE A 380 -12.94 1.29 -21.08
N THR A 381 -12.49 0.33 -20.26
CA THR A 381 -13.00 -1.02 -20.36
C THR A 381 -13.98 -1.12 -19.23
N TYR A 382 -15.26 -1.18 -19.59
CA TYR A 382 -16.29 -1.42 -18.61
C TYR A 382 -16.53 -2.92 -18.52
N ARG A 383 -16.34 -3.48 -17.33
CA ARG A 383 -16.63 -4.91 -17.13
C ARG A 383 -16.93 -5.15 -15.67
N HIS A 384 -18.14 -5.62 -15.41
CA HIS A 384 -18.58 -5.76 -14.06
C HIS A 384 -18.15 -7.10 -13.49
N MET A 385 -17.71 -7.10 -12.22
CA MET A 385 -17.25 -8.34 -11.60
C MET A 385 -18.37 -9.37 -11.42
N GLU A 386 -19.62 -8.91 -11.28
CA GLU A 386 -20.73 -9.81 -10.92
C GLU A 386 -21.76 -10.06 -12.01
N ARG A 387 -21.62 -9.45 -13.19
CA ARG A 387 -22.68 -9.65 -14.22
C ARG A 387 -22.37 -9.00 -15.57
N THR A 388 -23.22 -9.31 -16.54
CA THR A 388 -23.06 -8.74 -17.89
C THR A 388 -23.54 -7.30 -17.80
N LEU A 389 -22.77 -6.38 -18.37
CA LEU A 389 -23.22 -5.00 -18.45
C LEU A 389 -23.97 -4.83 -19.75
N SER A 390 -25.12 -4.15 -19.70
CA SER A 390 -25.90 -3.87 -20.91
C SER A 390 -25.26 -2.70 -21.64
N GLN A 391 -25.40 -2.66 -22.97
CA GLN A 391 -24.90 -1.51 -23.75
C GLN A 391 -25.53 -0.21 -23.23
N ARG A 392 -26.83 -0.28 -22.93
CA ARG A 392 -27.61 0.86 -22.47
C ARG A 392 -26.93 1.49 -21.22
N GLU A 393 -26.73 0.70 -20.17
CA GLU A 393 -26.20 1.26 -18.92
C GLU A 393 -24.80 1.87 -19.07
N VAL A 394 -23.96 1.24 -19.88
CA VAL A 394 -22.62 1.78 -20.13
C VAL A 394 -22.69 3.11 -20.86
N ARG A 395 -23.63 3.21 -21.81
CA ARG A 395 -23.79 4.41 -22.59
C ARG A 395 -24.08 5.57 -21.67
N HIS A 396 -25.04 5.38 -20.77
CA HIS A 396 -25.44 6.45 -19.90
C HIS A 396 -24.30 6.86 -19.01
N ILE A 397 -23.68 5.89 -18.37
CA ILE A 397 -22.55 6.16 -17.52
C ILE A 397 -21.46 6.91 -18.29
N HIS A 398 -21.16 6.43 -19.51
CA HIS A 398 -20.11 7.02 -20.33
C HIS A 398 -20.37 8.49 -20.70
N GLN A 399 -21.62 8.82 -21.02
CA GLN A 399 -21.95 10.21 -21.33
C GLN A 399 -21.85 11.09 -20.07
N ALA A 400 -22.21 10.50 -18.93
CA ALA A 400 -22.19 11.24 -17.68
C ALA A 400 -20.77 11.59 -17.42
N LEU A 401 -19.90 10.62 -17.65
CA LEU A 401 -18.46 10.78 -17.52
C LEU A 401 -17.99 11.91 -18.45
N GLN A 402 -18.44 11.87 -19.71
CA GLN A 402 -18.16 12.93 -20.67
C GLN A 402 -18.51 14.33 -20.18
N GLU A 403 -19.77 14.54 -19.81
CA GLU A 403 -20.17 15.78 -19.20
C GLU A 403 -19.30 16.14 -17.97
N ALA A 404 -19.20 15.24 -17.01
CA ALA A 404 -18.51 15.53 -15.76
C ALA A 404 -17.08 16.05 -16.02
N ALA A 405 -16.44 15.38 -16.97
CA ALA A 405 -15.09 15.67 -17.43
C ALA A 405 -14.99 17.12 -17.80
N VAL A 406 -15.97 17.60 -18.56
CA VAL A 406 -16.04 18.98 -18.98
C VAL A 406 -16.36 19.92 -17.80
N GLN A 407 -17.47 19.69 -17.12
CA GLN A 407 -17.82 20.51 -15.95
C GLN A 407 -16.70 20.62 -14.91
N LEU A 408 -16.19 19.47 -14.47
CA LEU A 408 -15.21 19.48 -13.38
C LEU A 408 -13.76 19.61 -13.77
N LEU A 409 -13.35 18.96 -14.85
CA LEU A 409 -11.96 18.97 -15.21
C LEU A 409 -11.63 20.09 -16.23
N GLY A 410 -12.64 20.83 -16.66
CA GLY A 410 -12.40 21.91 -17.62
C GLY A 410 -11.78 21.44 -18.94
N VAL A 411 -12.12 20.22 -19.34
CA VAL A 411 -11.70 19.72 -20.64
C VAL A 411 -12.71 20.14 -21.71
N GLU A 412 -12.24 20.21 -22.95
CA GLU A 412 -13.09 20.55 -24.06
C GLU A 412 -13.45 19.28 -24.79
N GLY A 413 -14.73 18.96 -24.77
CA GLY A 413 -15.21 17.71 -25.31
C GLY A 413 -14.87 17.50 -26.77
N ARG A 414 -13.78 16.79 -27.01
CA ARG A 414 -13.40 16.35 -28.34
C ARG A 414 -14.07 14.98 -28.65
N PHE A 415 -14.48 14.26 -27.59
CA PHE A 415 -15.18 12.97 -27.74
C PHE A 415 -14.53 11.93 -28.65
#